data_4NCS
#
_entry.id   4NCS
#
_cell.length_a   88.144
_cell.length_b   88.256
_cell.length_c   92.684
_cell.angle_alpha   90.00
_cell.angle_beta   90.00
_cell.angle_gamma   90.00
#
_symmetry.space_group_name_H-M   'C 2 2 21'
#
loop_
_entity.id
_entity.type
_entity.pdbx_description
1 polymer Sialidase-2
2 non-polymer '(2S,3S,4R,5R,6R)-5-acetamido-2,3-bis(fluoranyl)-4-oxidanyl-6-[(1S,2S)-1,2,3-tris(oxidanyl)propyl]oxane-2-carboxylic acid'
3 non-polymer 'PHOSPHATE ION'
4 water water
#
_entity_poly.entity_id   1
_entity_poly.type   'polypeptide(L)'
_entity_poly.pdbx_seq_one_letter_code
;GSMASLPVLQKESVFQSGAHAYRIPALLYLPGQQSLLAFAEQRASKKAEHAELIVLRRGDYDAPTHQVQWQAQEVVAQAR
LDGHRSMNPCPLYDAQTGTLFLFFIAIPGQVTEQQQLQTRANVTRLCQVTSTDHGRTWSSPRDLTDAAIGPAYREWSTFA
VGPGHCLQLNDRARSLVVPAYAYRKLHPIQRPIPSAFCFLSHDHGRTWARGHFVAQDTLECQVAEVETGEQRVVTLNARS
HLRARVQAQSTNDGLDFQESQLVKKLVEPPPQGCQGSVISFPSPRSGPGSPAQWLLYTHPTHSWQRADLGAYLNPRPPAP
EAWSEPVLLAKGSCAYSDLQSMGTGPDGSPLFGCLYEANDYEEIVFLMFTLKQAFPAEYLPQ
;
_entity_poly.pdbx_strand_id   A
#
loop_
_chem_comp.id
_chem_comp.type
_chem_comp.name
_chem_comp.formula
FSR L-saccharide '(2S,3S,4R,5R,6R)-5-acetamido-2,3-bis(fluoranyl)-4-oxidanyl-6-[(1S,2S)-1,2,3-tris(oxidanyl)propyl]oxane-2-carboxylic acid' 'C11 H17 F2 N O8'
PO4 non-polymer 'PHOSPHATE ION' 'O4 P -3'
#
# COMPACT_ATOMS: atom_id res chain seq x y z
N ALA A 4 -17.12 -8.73 19.67
CA ALA A 4 -17.24 -7.40 18.99
C ALA A 4 -15.89 -6.88 18.49
N SER A 5 -15.94 -5.87 17.65
CA SER A 5 -14.72 -5.26 17.14
C SER A 5 -14.39 -4.04 17.99
N LEU A 6 -13.12 -3.70 17.97
CA LEU A 6 -12.54 -2.56 18.67
C LEU A 6 -13.29 -1.24 18.50
N PRO A 7 -13.55 -0.48 19.58
CA PRO A 7 -14.05 0.90 19.38
C PRO A 7 -13.04 1.73 18.63
N VAL A 8 -13.53 2.48 17.65
CA VAL A 8 -12.70 3.30 16.77
C VAL A 8 -13.23 4.72 16.76
N LEU A 9 -12.43 5.67 16.29
CA LEU A 9 -12.94 7.03 16.23
C LEU A 9 -13.92 7.24 15.12
N GLN A 10 -13.84 6.45 14.06
CA GLN A 10 -14.72 6.74 12.93
C GLN A 10 -14.72 5.54 12.00
N LYS A 11 -15.87 5.25 11.43
CA LYS A 11 -16.01 4.18 10.47
C LYS A 11 -16.99 4.68 9.44
N GLU A 12 -16.52 4.94 8.23
CA GLU A 12 -17.39 5.49 7.17
C GLU A 12 -17.11 4.80 5.84
N SER A 13 -18.19 4.38 5.16
CA SER A 13 -18.09 3.94 3.78
C SER A 13 -17.79 5.16 2.93
N VAL A 14 -16.71 5.09 2.15
CA VAL A 14 -16.32 6.20 1.31
C VAL A 14 -16.42 5.92 -0.18
N PHE A 15 -16.51 4.66 -0.58
CA PHE A 15 -16.87 4.32 -1.96
C PHE A 15 -17.85 3.19 -1.83
N GLN A 16 -18.85 3.16 -2.73
CA GLN A 16 -19.77 2.03 -2.78
C GLN A 16 -20.18 1.71 -4.21
N SER A 17 -20.54 0.45 -4.41
CA SER A 17 -21.09 0.04 -5.72
C SER A 17 -22.31 0.89 -6.07
N GLY A 18 -22.36 1.34 -7.32
CA GLY A 18 -23.47 2.18 -7.82
C GLY A 18 -23.52 1.93 -9.33
N ALA A 19 -23.42 2.99 -10.10
CA ALA A 19 -23.15 2.87 -11.54
C ALA A 19 -21.83 2.06 -11.77
N HIS A 20 -20.89 2.12 -10.84
CA HIS A 20 -19.61 1.45 -10.97
C HIS A 20 -19.29 0.62 -9.74
N ALA A 21 -18.26 -0.22 -9.89
CA ALA A 21 -17.69 -0.98 -8.75
C ALA A 21 -16.40 -0.29 -8.27
N TYR A 22 -16.17 -0.29 -6.95
CA TYR A 22 -14.93 0.28 -6.39
C TYR A 22 -14.10 -0.78 -5.69
N ARG A 23 -12.82 -0.83 -6.11
CA ARG A 23 -11.88 -1.74 -5.50
C ARG A 23 -10.48 -1.11 -5.43
N ILE A 24 -9.61 -1.79 -4.68
CA ILE A 24 -8.17 -1.53 -4.66
C ILE A 24 -7.85 -0.18 -4.00
N PRO A 25 -7.96 -0.12 -2.67
CA PRO A 25 -7.86 1.19 -2.05
C PRO A 25 -6.41 1.59 -1.85
N ALA A 26 -6.18 2.90 -1.79
CA ALA A 26 -4.90 3.45 -1.41
C ALA A 26 -5.16 4.72 -0.67
N LEU A 27 -4.41 4.90 0.40
CA LEU A 27 -4.65 6.02 1.28
C LEU A 27 -3.36 6.78 1.47
N LEU A 28 -3.45 8.08 1.54
CA LEU A 28 -2.28 8.95 1.68
C LEU A 28 -2.61 10.11 2.66
N TYR A 29 -1.85 10.21 3.74
CA TYR A 29 -1.94 11.33 4.67
C TYR A 29 -0.98 12.45 4.25
N LEU A 30 -1.45 13.69 4.31
CA LEU A 30 -0.71 14.88 3.91
C LEU A 30 -0.46 15.71 5.15
N PRO A 31 0.71 15.51 5.74
CA PRO A 31 1.09 16.21 6.91
C PRO A 31 1.25 17.69 6.55
N GLY A 32 0.80 18.51 7.45
CA GLY A 32 0.74 19.92 7.17
C GLY A 32 -0.62 20.30 6.63
N GLN A 33 -1.41 19.33 6.14
CA GLN A 33 -2.70 19.68 5.57
C GLN A 33 -3.85 19.13 6.36
N GLN A 34 -3.56 18.32 7.37
CA GLN A 34 -4.54 17.59 8.16
C GLN A 34 -5.48 16.85 7.23
N SER A 35 -4.94 16.37 6.10
CA SER A 35 -5.77 15.78 5.08
C SER A 35 -5.31 14.41 4.58
N LEU A 36 -6.31 13.66 4.16
CA LEU A 36 -6.14 12.37 3.56
C LEU A 36 -6.64 12.40 2.13
N LEU A 37 -5.90 11.71 1.27
CA LEU A 37 -6.40 11.31 -0.04
C LEU A 37 -6.67 9.83 -0.06
N ALA A 38 -7.87 9.49 -0.51
CA ALA A 38 -8.36 8.13 -0.62
C ALA A 38 -8.59 7.82 -2.09
N PHE A 39 -7.86 6.88 -2.63
CA PHE A 39 -7.90 6.55 -4.07
C PHE A 39 -8.47 5.15 -4.19
N ALA A 40 -8.98 4.84 -5.36
CA ALA A 40 -9.54 3.51 -5.65
C ALA A 40 -9.68 3.34 -7.16
N GLU A 41 -9.85 2.11 -7.61
CA GLU A 41 -10.13 1.85 -9.03
C GLU A 41 -11.65 1.96 -9.19
N GLN A 42 -12.09 2.71 -10.17
CA GLN A 42 -13.46 2.70 -10.59
C GLN A 42 -13.59 1.75 -11.78
N ARG A 43 -14.19 0.59 -11.56
CA ARG A 43 -14.39 -0.44 -12.54
C ARG A 43 -15.85 -0.43 -13.09
N ALA A 44 -16.03 -0.77 -14.36
CA ALA A 44 -17.40 -1.02 -14.89
C ALA A 44 -17.89 -2.32 -14.29
N ALA A 51 -11.40 -3.08 -14.94
CA ALA A 51 -10.86 -1.81 -14.46
C ALA A 51 -10.97 -0.71 -15.52
N GLU A 52 -11.11 0.53 -15.09
CA GLU A 52 -11.16 1.61 -16.05
C GLU A 52 -10.30 2.77 -15.59
N LEU A 53 -10.80 3.50 -14.60
CA LEU A 53 -10.15 4.70 -14.12
C LEU A 53 -9.80 4.67 -12.61
N ILE A 54 -9.03 5.68 -12.22
CA ILE A 54 -8.75 5.92 -10.84
C ILE A 54 -9.45 7.15 -10.34
N VAL A 55 -10.07 7.00 -9.19
CA VAL A 55 -10.77 8.10 -8.56
C VAL A 55 -10.13 8.42 -7.21
N LEU A 56 -10.41 9.64 -6.76
CA LEU A 56 -9.90 10.17 -5.52
C LEU A 56 -11.02 10.91 -4.74
N ARG A 57 -11.01 10.79 -3.39
CA ARG A 57 -11.68 11.73 -2.44
C ARG A 57 -10.67 12.28 -1.47
N ARG A 58 -10.77 13.58 -1.24
CA ARG A 58 -9.97 14.26 -0.20
CA ARG A 58 -10.00 14.33 -0.23
C ARG A 58 -10.82 14.42 1.07
N GLY A 59 -10.21 14.15 2.21
CA GLY A 59 -10.87 14.25 3.50
C GLY A 59 -10.06 15.23 4.36
N ASP A 60 -10.75 16.11 5.09
CA ASP A 60 -10.11 17.00 6.06
CA ASP A 60 -10.11 17.02 6.09
C ASP A 60 -10.38 16.44 7.48
N TYR A 61 -9.33 16.23 8.25
CA TYR A 61 -9.44 15.68 9.57
C TYR A 61 -9.53 16.78 10.63
N ASP A 62 -10.62 16.76 11.38
CA ASP A 62 -10.81 17.70 12.51
CA ASP A 62 -10.85 17.71 12.45
C ASP A 62 -10.76 16.93 13.82
N ALA A 63 -9.67 17.12 14.57
CA ALA A 63 -9.45 16.33 15.77
C ALA A 63 -10.48 16.54 16.84
N PRO A 64 -10.96 17.78 17.01
CA PRO A 64 -11.91 18.04 18.07
C PRO A 64 -13.25 17.32 17.88
N THR A 65 -13.61 16.97 16.67
CA THR A 65 -14.82 16.20 16.41
C THR A 65 -14.48 14.74 16.12
N HIS A 66 -13.20 14.37 16.20
CA HIS A 66 -12.76 12.99 15.99
C HIS A 66 -13.19 12.50 14.61
N GLN A 67 -13.14 13.34 13.58
CA GLN A 67 -13.57 12.87 12.29
C GLN A 67 -13.03 13.57 11.06
N VAL A 68 -13.04 12.80 9.97
CA VAL A 68 -12.64 13.25 8.68
C VAL A 68 -13.89 13.56 7.89
N GLN A 69 -13.92 14.72 7.28
CA GLN A 69 -15.02 15.03 6.37
C GLN A 69 -14.51 14.93 4.93
N TRP A 70 -15.14 14.04 4.16
CA TRP A 70 -14.69 13.65 2.83
C TRP A 70 -15.45 14.48 1.83
N GLN A 71 -14.74 14.99 0.85
CA GLN A 71 -15.32 15.75 -0.19
C GLN A 71 -15.78 14.79 -1.28
N ALA A 72 -16.26 15.39 -2.36
CA ALA A 72 -16.89 14.66 -3.43
C ALA A 72 -15.84 13.98 -4.24
N GLN A 73 -16.18 12.75 -4.61
CA GLN A 73 -15.40 11.91 -5.46
C GLN A 73 -15.09 12.54 -6.77
N GLU A 74 -13.86 12.28 -7.23
CA GLU A 74 -13.46 12.71 -8.54
C GLU A 74 -12.51 11.80 -9.26
N VAL A 75 -12.75 11.61 -10.55
CA VAL A 75 -11.77 10.97 -11.44
C VAL A 75 -10.46 11.74 -11.55
N VAL A 76 -9.36 11.01 -11.46
CA VAL A 76 -8.05 11.52 -11.76
C VAL A 76 -7.86 11.36 -13.25
N ALA A 77 -8.22 12.43 -13.98
CA ALA A 77 -8.41 12.34 -15.42
C ALA A 77 -7.11 12.08 -16.15
N GLN A 78 -6.00 12.59 -15.62
CA GLN A 78 -4.71 12.39 -16.23
C GLN A 78 -4.08 11.03 -15.94
N ALA A 79 -4.58 10.26 -14.94
CA ALA A 79 -3.99 8.95 -14.61
C ALA A 79 -4.53 7.88 -15.55
N ARG A 80 -4.15 7.99 -16.83
CA ARG A 80 -4.70 7.17 -17.90
C ARG A 80 -3.79 7.26 -19.15
N LEU A 81 -3.75 6.17 -19.93
CA LEU A 81 -3.20 6.18 -21.29
C LEU A 81 -4.30 5.78 -22.24
N ASP A 82 -4.26 6.38 -23.44
CA ASP A 82 -5.25 6.13 -24.50
C ASP A 82 -5.32 4.65 -24.73
N GLY A 83 -6.54 4.13 -24.86
CA GLY A 83 -6.73 2.70 -25.12
C GLY A 83 -6.32 1.76 -23.99
N HIS A 84 -6.02 2.28 -22.79
CA HIS A 84 -5.67 1.41 -21.65
C HIS A 84 -6.56 1.61 -20.42
N ARG A 85 -6.76 0.55 -19.64
CA ARG A 85 -7.37 0.64 -18.31
C ARG A 85 -6.26 0.97 -17.30
N SER A 86 -6.59 1.78 -16.29
CA SER A 86 -5.66 2.19 -15.21
C SER A 86 -5.90 1.39 -13.93
N MET A 87 -4.86 0.87 -13.31
CA MET A 87 -5.04 0.02 -12.17
C MET A 87 -3.98 0.26 -11.15
N ASN A 88 -4.19 -0.23 -9.93
CA ASN A 88 -3.19 -0.14 -8.83
C ASN A 88 -2.65 1.26 -8.46
N PRO A 89 -3.54 2.15 -8.01
CA PRO A 89 -3.08 3.44 -7.46
C PRO A 89 -2.08 3.23 -6.34
N CYS A 90 -0.87 3.79 -6.50
N CYS A 90 -0.79 3.66 -6.51
CA CYS A 90 0.12 3.79 -5.48
CA CYS A 90 0.24 3.75 -5.42
C CYS A 90 0.59 5.22 -5.28
C CYS A 90 0.61 5.23 -5.27
N PRO A 91 0.09 5.90 -4.23
CA PRO A 91 0.48 7.29 -3.97
C PRO A 91 1.63 7.47 -3.04
N LEU A 92 2.24 8.65 -3.14
CA LEU A 92 3.39 8.98 -2.32
C LEU A 92 3.48 10.50 -2.20
N TYR A 93 3.77 10.97 -1.01
CA TYR A 93 4.04 12.41 -0.79
C TYR A 93 5.54 12.69 -0.55
N ASP A 94 6.14 13.53 -1.37
CA ASP A 94 7.57 13.85 -1.28
C ASP A 94 7.72 15.07 -0.41
N ALA A 95 8.18 14.82 0.81
CA ALA A 95 8.34 15.80 1.89
C ALA A 95 9.28 16.90 1.47
N GLN A 96 10.31 16.48 0.74
CA GLN A 96 11.36 17.38 0.28
C GLN A 96 10.83 18.38 -0.78
N THR A 97 10.04 17.95 -1.74
CA THR A 97 9.49 18.85 -2.74
C THR A 97 8.12 19.44 -2.39
N GLY A 98 7.29 18.82 -1.56
CA GLY A 98 5.85 19.18 -1.56
C GLY A 98 5.13 18.69 -2.85
N THR A 99 5.67 17.66 -3.44
CA THR A 99 5.08 17.01 -4.59
C THR A 99 4.40 15.68 -4.25
N LEU A 100 3.19 15.54 -4.79
CA LEU A 100 2.40 14.34 -4.73
C LEU A 100 2.63 13.47 -5.98
N PHE A 101 3.01 12.22 -5.77
CA PHE A 101 3.07 11.22 -6.84
C PHE A 101 1.90 10.22 -6.80
N LEU A 102 1.39 9.86 -7.97
CA LEU A 102 0.54 8.72 -8.13
C LEU A 102 1.11 7.77 -9.16
N PHE A 103 1.53 6.61 -8.70
CA PHE A 103 1.93 5.57 -9.61
C PHE A 103 0.77 4.63 -9.96
N PHE A 104 0.83 4.06 -11.13
CA PHE A 104 -0.21 3.21 -11.55
C PHE A 104 0.21 2.39 -12.71
N ILE A 105 -0.61 1.41 -13.02
N ILE A 105 -0.46 1.28 -12.96
CA ILE A 105 -0.35 0.48 -14.09
CA ILE A 105 -0.22 0.57 -14.20
C ILE A 105 -1.42 0.63 -15.18
C ILE A 105 -1.34 0.78 -15.18
N ALA A 106 -0.98 0.64 -16.43
CA ALA A 106 -1.93 0.78 -17.60
C ALA A 106 -1.79 -0.42 -18.52
N ILE A 107 -2.93 -1.05 -18.81
CA ILE A 107 -3.02 -2.32 -19.56
C ILE A 107 -3.99 -2.14 -20.74
N PRO A 108 -3.68 -2.70 -21.94
CA PRO A 108 -4.54 -2.41 -23.11
C PRO A 108 -5.97 -2.89 -22.93
N GLY A 109 -6.89 -2.08 -23.44
CA GLY A 109 -8.32 -2.12 -23.03
C GLY A 109 -9.02 -3.45 -22.77
N ALA A 121 2.92 -12.69 -23.05
CA ALA A 121 3.37 -11.46 -23.75
C ALA A 121 3.09 -10.21 -22.90
N ASN A 122 4.13 -9.45 -22.57
CA ASN A 122 4.00 -8.29 -21.65
C ASN A 122 3.54 -7.04 -22.37
N VAL A 123 2.35 -6.55 -22.05
CA VAL A 123 1.83 -5.29 -22.58
C VAL A 123 1.49 -4.27 -21.47
N THR A 124 1.89 -4.58 -20.22
CA THR A 124 1.65 -3.72 -19.05
C THR A 124 2.64 -2.54 -19.01
N ARG A 125 2.16 -1.36 -18.63
CA ARG A 125 2.98 -0.16 -18.58
CA ARG A 125 2.94 -0.12 -18.57
C ARG A 125 2.99 0.50 -17.17
N LEU A 126 4.15 0.99 -16.75
CA LEU A 126 4.29 1.69 -15.49
C LEU A 126 4.18 3.20 -15.76
N CYS A 127 3.36 3.89 -14.98
CA CYS A 127 3.02 5.27 -15.20
C CYS A 127 3.11 6.01 -13.91
N GLN A 128 3.36 7.30 -14.05
CA GLN A 128 3.37 8.22 -12.94
C GLN A 128 2.58 9.50 -13.36
N VAL A 129 1.72 10.04 -12.48
CA VAL A 129 1.36 11.46 -12.57
C VAL A 129 1.75 12.16 -11.31
N THR A 130 1.74 13.47 -11.38
CA THR A 130 2.33 14.28 -10.33
C THR A 130 1.46 15.49 -10.03
N SER A 131 1.41 15.94 -8.79
CA SER A 131 0.54 17.08 -8.48
C SER A 131 1.30 17.95 -7.51
N THR A 132 1.25 19.26 -7.76
CA THR A 132 1.78 20.24 -6.79
C THR A 132 0.68 21.06 -6.09
N ASP A 133 -0.59 20.71 -6.15
CA ASP A 133 -1.59 21.45 -5.35
C ASP A 133 -2.37 20.47 -4.51
N HIS A 134 -1.65 19.49 -3.95
CA HIS A 134 -2.22 18.40 -3.12
C HIS A 134 -3.27 17.56 -3.74
N GLY A 135 -3.17 17.29 -5.04
CA GLY A 135 -4.09 16.34 -5.64
C GLY A 135 -5.29 16.95 -6.33
N ARG A 136 -5.37 18.28 -6.36
CA ARG A 136 -6.46 18.97 -7.09
C ARG A 136 -6.25 18.89 -8.58
N THR A 137 -5.01 19.06 -9.02
CA THR A 137 -4.72 18.88 -10.41
C THR A 137 -3.41 18.10 -10.58
N TRP A 138 -3.28 17.54 -11.78
CA TRP A 138 -2.34 16.51 -12.05
C TRP A 138 -1.68 16.74 -13.37
N SER A 139 -0.42 16.39 -13.46
CA SER A 139 0.28 16.44 -14.69
C SER A 139 -0.25 15.40 -15.67
N SER A 140 0.18 15.56 -16.91
CA SER A 140 -0.01 14.54 -17.92
C SER A 140 0.90 13.35 -17.53
N PRO A 141 0.45 12.12 -17.80
CA PRO A 141 1.23 10.99 -17.35
C PRO A 141 2.59 10.84 -18.02
N ARG A 142 3.56 10.34 -17.27
CA ARG A 142 4.83 9.87 -17.77
C ARG A 142 4.81 8.32 -17.78
N ASP A 143 5.19 7.71 -18.91
CA ASP A 143 5.34 6.24 -19.05
C ASP A 143 6.78 5.89 -18.76
N LEU A 144 6.99 5.23 -17.61
CA LEU A 144 8.30 4.95 -17.07
C LEU A 144 8.83 3.61 -17.49
N THR A 145 8.00 2.89 -18.23
CA THR A 145 8.20 1.45 -18.44
C THR A 145 9.58 1.11 -18.98
N ASP A 146 9.99 1.74 -20.07
CA ASP A 146 11.23 1.29 -20.73
C ASP A 146 12.44 1.59 -19.89
N ALA A 147 12.53 2.83 -19.39
CA ALA A 147 13.70 3.26 -18.67
C ALA A 147 13.77 2.61 -17.28
N ALA A 148 12.60 2.32 -16.68
CA ALA A 148 12.57 1.74 -15.35
C ALA A 148 12.86 0.24 -15.35
N ILE A 149 12.46 -0.48 -16.39
CA ILE A 149 12.43 -1.92 -16.34
C ILE A 149 13.54 -2.50 -17.24
N GLY A 150 13.67 -1.95 -18.43
CA GLY A 150 14.72 -2.35 -19.33
C GLY A 150 14.54 -3.73 -19.94
N PRO A 151 15.66 -4.36 -20.29
CA PRO A 151 15.58 -5.65 -20.99
C PRO A 151 14.73 -6.72 -20.24
N ALA A 152 14.61 -6.60 -18.91
CA ALA A 152 13.83 -7.58 -18.16
C ALA A 152 12.38 -7.63 -18.61
N TYR A 153 11.92 -6.54 -19.21
CA TYR A 153 10.53 -6.45 -19.57
C TYR A 153 10.00 -7.67 -20.35
N ARG A 154 10.80 -8.14 -21.28
CA ARG A 154 10.41 -9.26 -22.12
C ARG A 154 10.58 -10.62 -21.38
N GLU A 155 11.17 -10.65 -20.22
CA GLU A 155 11.19 -11.88 -19.42
C GLU A 155 9.99 -11.97 -18.44
N TRP A 156 9.08 -10.98 -18.43
CA TRP A 156 7.91 -10.96 -17.57
C TRP A 156 6.66 -11.07 -18.41
N SER A 157 5.60 -11.69 -17.86
CA SER A 157 4.29 -11.73 -18.50
C SER A 157 3.51 -10.53 -18.15
N THR A 158 3.72 -10.04 -16.94
CA THR A 158 3.07 -8.81 -16.49
C THR A 158 3.74 -8.47 -15.14
N PHE A 159 3.34 -7.34 -14.59
CA PHE A 159 3.85 -6.87 -13.27
C PHE A 159 2.85 -5.87 -12.73
N ALA A 160 3.04 -5.51 -11.46
CA ALA A 160 2.24 -4.43 -10.92
C ALA A 160 2.97 -3.65 -9.87
N VAL A 161 2.43 -2.49 -9.55
CA VAL A 161 2.88 -1.73 -8.40
C VAL A 161 1.86 -1.76 -7.30
N GLY A 162 2.38 -1.72 -6.07
CA GLY A 162 1.54 -1.75 -4.89
C GLY A 162 0.62 -2.96 -4.95
N PRO A 163 -0.70 -2.72 -4.78
CA PRO A 163 -1.24 -1.34 -4.64
C PRO A 163 -1.09 -0.71 -3.24
N GLY A 164 -1.38 0.57 -3.17
CA GLY A 164 -1.32 1.28 -1.90
C GLY A 164 -0.16 2.24 -1.82
N HIS A 165 -0.06 2.86 -0.66
CA HIS A 165 0.90 3.90 -0.43
C HIS A 165 2.30 3.32 -0.59
N CYS A 166 3.20 4.18 -1.01
CA CYS A 166 4.60 3.80 -1.13
C CYS A 166 5.45 4.52 -0.10
N LEU A 167 6.77 4.55 -0.31
CA LEU A 167 7.72 4.93 0.74
C LEU A 167 8.77 5.96 0.25
N GLN A 168 9.02 6.95 1.10
CA GLN A 168 10.17 7.86 1.00
C GLN A 168 11.13 7.61 2.16
N LEU A 169 12.39 7.41 1.86
CA LEU A 169 13.43 7.12 2.86
C LEU A 169 14.03 8.40 3.38
N ASN A 170 14.59 8.39 4.58
CA ASN A 170 15.33 9.56 5.04
C ASN A 170 16.83 9.34 4.87
N ASP A 171 17.23 8.74 3.76
CA ASP A 171 18.61 8.80 3.34
C ASP A 171 18.86 10.23 2.81
N ARG A 172 20.12 10.54 2.52
CA ARG A 172 20.52 11.87 1.99
C ARG A 172 19.67 12.23 0.79
N ALA A 173 19.56 11.31 -0.16
CA ALA A 173 18.83 11.59 -1.40
C ALA A 173 17.30 11.62 -1.23
N ARG A 174 16.79 11.20 -0.08
CA ARG A 174 15.34 11.13 0.16
C ARG A 174 14.64 10.33 -0.96
N SER A 175 15.20 9.14 -1.14
CA SER A 175 14.80 8.24 -2.19
C SER A 175 13.36 7.79 -2.10
N LEU A 176 12.80 7.62 -3.30
CA LEU A 176 11.44 7.12 -3.45
C LEU A 176 11.49 5.60 -3.71
N VAL A 177 10.68 4.85 -2.96
CA VAL A 177 10.60 3.39 -3.03
C VAL A 177 9.16 2.94 -3.33
N VAL A 178 8.99 2.32 -4.49
CA VAL A 178 7.65 1.89 -4.97
C VAL A 178 7.62 0.38 -4.90
N PRO A 179 6.81 -0.18 -4.00
CA PRO A 179 6.74 -1.66 -3.94
C PRO A 179 6.06 -2.23 -5.14
N ALA A 180 6.46 -3.43 -5.51
CA ALA A 180 6.05 -4.04 -6.74
C ALA A 180 6.19 -5.55 -6.76
N TYR A 181 5.69 -6.18 -7.83
CA TYR A 181 5.99 -7.61 -8.12
C TYR A 181 5.86 -7.87 -9.63
N ALA A 182 6.60 -8.86 -10.11
CA ALA A 182 6.52 -9.23 -11.52
C ALA A 182 6.36 -10.72 -11.65
N TYR A 183 5.54 -11.16 -12.61
CA TYR A 183 5.53 -12.59 -12.96
C TYR A 183 6.63 -12.90 -13.93
N ARG A 184 7.61 -13.69 -13.49
CA ARG A 184 8.74 -14.05 -14.29
C ARG A 184 8.51 -15.38 -15.02
N LYS A 185 8.79 -15.37 -16.30
CA LYS A 185 8.73 -16.59 -17.13
C LYS A 185 10.05 -17.33 -16.94
N LEU A 186 10.14 -18.13 -15.89
CA LEU A 186 11.41 -18.71 -15.49
C LEU A 186 11.70 -20.02 -16.21
N HIS A 187 10.69 -20.89 -16.36
CA HIS A 187 10.85 -22.15 -17.13
C HIS A 187 9.66 -22.30 -18.03
N PRO A 188 9.89 -22.56 -19.32
CA PRO A 188 8.75 -22.50 -20.26
C PRO A 188 7.60 -23.54 -20.05
N ILE A 189 7.90 -24.65 -19.37
N ILE A 189 7.88 -24.66 -19.37
CA ILE A 189 6.90 -25.66 -19.01
CA ILE A 189 6.79 -25.61 -19.04
C ILE A 189 6.12 -25.30 -17.72
C ILE A 189 6.05 -25.24 -17.74
N GLN A 190 6.59 -24.29 -16.98
CA GLN A 190 5.93 -23.82 -15.75
C GLN A 190 5.21 -22.56 -16.06
N ARG A 191 4.12 -22.30 -15.37
CA ARG A 191 3.46 -21.03 -15.50
C ARG A 191 4.40 -19.94 -14.88
N PRO A 192 4.18 -18.67 -15.25
CA PRO A 192 5.07 -17.63 -14.71
C PRO A 192 5.02 -17.62 -13.18
N ILE A 193 6.14 -17.32 -12.53
CA ILE A 193 6.21 -17.22 -11.05
C ILE A 193 6.36 -15.77 -10.57
N PRO A 194 5.52 -15.30 -9.63
CA PRO A 194 5.68 -13.92 -9.18
C PRO A 194 6.74 -13.75 -8.11
N SER A 195 7.52 -12.66 -8.19
CA SER A 195 8.36 -12.20 -7.11
C SER A 195 8.24 -10.68 -6.91
N ALA A 196 8.30 -10.30 -5.66
CA ALA A 196 8.23 -8.92 -5.31
C ALA A 196 9.60 -8.25 -5.40
N PHE A 197 9.59 -6.92 -5.46
CA PHE A 197 10.80 -6.13 -5.58
C PHE A 197 10.36 -4.69 -5.42
N CYS A 198 11.32 -3.77 -5.37
CA CYS A 198 10.96 -2.35 -5.42
C CYS A 198 11.55 -1.58 -6.59
N PHE A 199 10.77 -0.64 -7.12
CA PHE A 199 11.33 0.42 -7.93
C PHE A 199 11.92 1.50 -7.03
N LEU A 200 13.11 1.98 -7.43
CA LEU A 200 13.88 2.94 -6.66
CA LEU A 200 13.87 2.96 -6.67
C LEU A 200 14.25 4.20 -7.48
N SER A 201 14.09 5.38 -6.89
CA SER A 201 14.54 6.66 -7.47
C SER A 201 15.31 7.42 -6.39
N HIS A 202 16.43 8.01 -6.81
CA HIS A 202 17.21 8.83 -5.90
C HIS A 202 17.24 10.26 -6.27
N ASP A 203 16.43 10.66 -7.25
CA ASP A 203 16.43 12.03 -7.77
C ASP A 203 14.99 12.50 -7.88
N HIS A 204 14.19 12.10 -6.91
CA HIS A 204 12.84 12.61 -6.73
C HIS A 204 11.95 12.22 -7.88
N GLY A 205 12.16 11.01 -8.39
CA GLY A 205 11.32 10.50 -9.45
C GLY A 205 11.62 10.93 -10.87
N ARG A 206 12.79 11.50 -11.12
CA ARG A 206 13.24 11.77 -12.50
C ARG A 206 13.78 10.49 -13.18
N THR A 207 14.50 9.68 -12.46
CA THR A 207 14.93 8.42 -12.97
C THR A 207 14.63 7.35 -11.95
N TRP A 208 14.53 6.12 -12.48
CA TRP A 208 14.01 4.95 -11.76
C TRP A 208 14.85 3.70 -12.03
N ALA A 209 15.22 2.98 -11.01
CA ALA A 209 15.84 1.69 -11.20
C ALA A 209 14.98 0.56 -10.57
N ARG A 210 15.23 -0.65 -11.01
CA ARG A 210 14.52 -1.85 -10.62
C ARG A 210 15.42 -2.45 -9.57
N GLY A 211 14.94 -2.61 -8.35
CA GLY A 211 15.73 -3.36 -7.36
C GLY A 211 15.62 -4.84 -7.59
N HIS A 212 16.33 -5.64 -6.80
CA HIS A 212 16.40 -7.08 -6.98
C HIS A 212 15.21 -7.81 -6.37
N PHE A 213 14.87 -8.95 -6.94
CA PHE A 213 13.71 -9.72 -6.52
C PHE A 213 13.87 -10.25 -5.14
N VAL A 214 12.76 -10.30 -4.42
CA VAL A 214 12.73 -10.98 -3.15
C VAL A 214 12.82 -12.50 -3.21
N ALA A 215 11.93 -13.19 -3.92
CA ALA A 215 11.78 -14.68 -3.71
C ALA A 215 10.56 -15.17 -4.39
N GLN A 216 10.67 -16.39 -4.89
CA GLN A 216 9.65 -17.00 -5.69
C GLN A 216 8.32 -16.87 -4.99
N ASP A 217 7.25 -16.71 -5.75
CA ASP A 217 5.95 -16.69 -5.16
C ASP A 217 5.84 -15.64 -4.02
N THR A 218 6.13 -14.39 -4.37
CA THR A 218 5.62 -13.26 -3.61
C THR A 218 4.90 -12.31 -4.56
N LEU A 219 3.76 -11.80 -4.11
CA LEU A 219 2.90 -10.98 -4.94
C LEU A 219 2.85 -9.60 -4.33
N GLU A 220 1.67 -8.97 -4.27
CA GLU A 220 1.54 -7.65 -3.75
C GLU A 220 2.22 -7.49 -2.44
N CYS A 221 2.84 -6.33 -2.32
CA CYS A 221 3.63 -6.01 -1.15
C CYS A 221 3.59 -4.51 -0.83
N GLN A 222 4.04 -4.21 0.37
CA GLN A 222 4.28 -2.86 0.78
C GLN A 222 5.59 -2.85 1.58
N VAL A 223 6.18 -1.65 1.67
CA VAL A 223 7.43 -1.44 2.41
C VAL A 223 7.29 -0.32 3.45
N ALA A 224 8.11 -0.38 4.48
CA ALA A 224 8.17 0.63 5.53
C ALA A 224 9.62 0.71 5.94
N GLU A 225 10.06 1.85 6.48
CA GLU A 225 11.42 2.02 6.95
C GLU A 225 11.42 1.96 8.45
N VAL A 226 12.37 1.23 9.01
CA VAL A 226 12.63 1.29 10.44
C VAL A 226 14.09 1.61 10.77
N GLU A 227 14.30 2.33 11.88
N GLU A 227 14.28 2.40 11.84
CA GLU A 227 15.63 2.66 12.46
CA GLU A 227 15.53 3.12 12.17
C GLU A 227 16.51 3.53 11.58
C GLU A 227 16.14 3.82 10.95
N GLN A 231 21.36 2.61 11.59
CA GLN A 231 20.96 1.54 10.65
C GLN A 231 19.50 1.65 10.14
N ARG A 232 19.39 2.06 8.90
CA ARG A 232 18.11 2.17 8.16
C ARG A 232 17.77 0.76 7.69
N VAL A 233 16.56 0.26 7.93
CA VAL A 233 16.10 -1.03 7.34
C VAL A 233 14.76 -0.78 6.64
N VAL A 234 14.66 -1.26 5.42
CA VAL A 234 13.40 -1.38 4.69
C VAL A 234 12.86 -2.80 4.90
N THR A 235 11.67 -2.85 5.48
CA THR A 235 10.93 -4.06 5.68
C THR A 235 9.87 -4.15 4.57
N LEU A 236 9.78 -5.32 3.98
CA LEU A 236 8.87 -5.60 2.85
C LEU A 236 7.94 -6.72 3.36
N ASN A 237 6.63 -6.52 3.25
CA ASN A 237 5.64 -7.49 3.64
C ASN A 237 4.78 -7.86 2.44
N ALA A 238 4.73 -9.13 2.13
CA ALA A 238 4.18 -9.53 0.84
C ALA A 238 3.23 -10.67 0.97
N ARG A 239 2.22 -10.57 0.12
CA ARG A 239 1.34 -11.64 -0.16
C ARG A 239 2.09 -12.81 -0.72
N SER A 240 1.70 -14.01 -0.30
CA SER A 240 2.25 -15.23 -0.87
C SER A 240 1.21 -16.28 -1.23
N HIS A 241 1.71 -17.38 -1.82
CA HIS A 241 0.90 -18.56 -2.17
C HIS A 241 0.69 -19.54 -1.03
N LEU A 242 1.52 -19.40 -0.01
CA LEU A 242 1.49 -20.22 1.17
C LEU A 242 0.44 -19.70 2.16
N ARG A 243 0.37 -20.31 3.32
CA ARG A 243 -0.64 -19.98 4.28
C ARG A 243 -0.17 -18.87 5.23
N ALA A 244 0.98 -18.26 4.96
CA ALA A 244 1.51 -17.24 5.82
C ALA A 244 2.18 -16.20 4.97
N ARG A 245 2.27 -14.98 5.50
CA ARG A 245 3.01 -13.90 4.82
C ARG A 245 4.47 -14.18 4.69
N VAL A 246 5.04 -13.50 3.71
CA VAL A 246 6.46 -13.45 3.53
C VAL A 246 6.91 -12.05 3.88
N GLN A 247 7.98 -11.97 4.63
CA GLN A 247 8.53 -10.68 4.96
C GLN A 247 9.98 -10.74 4.57
N ALA A 248 10.55 -9.62 4.13
CA ALA A 248 11.96 -9.57 3.81
C ALA A 248 12.49 -8.23 4.18
N GLN A 249 13.81 -8.15 4.32
CA GLN A 249 14.49 -6.95 4.82
C GLN A 249 15.66 -6.57 3.97
N SER A 250 15.81 -5.26 3.78
CA SER A 250 16.87 -4.65 2.99
C SER A 250 17.64 -3.68 3.90
N THR A 251 18.97 -3.76 3.82
CA THR A 251 19.83 -2.84 4.53
C THR A 251 20.39 -1.87 3.56
N ASN A 252 20.08 -1.99 2.27
CA ASN A 252 20.66 -1.05 1.33
C ASN A 252 19.57 -0.41 0.59
N ASP A 253 18.50 -0.09 1.34
CA ASP A 253 17.48 0.83 0.86
C ASP A 253 16.67 0.28 -0.30
N GLY A 254 16.42 -1.03 -0.32
CA GLY A 254 15.54 -1.63 -1.35
C GLY A 254 16.17 -2.27 -2.54
N LEU A 255 17.49 -2.11 -2.67
CA LEU A 255 18.19 -2.69 -3.80
C LEU A 255 18.21 -4.20 -3.67
N ASP A 256 18.48 -4.67 -2.46
CA ASP A 256 18.54 -6.08 -2.15
CA ASP A 256 18.48 -6.08 -2.17
C ASP A 256 17.75 -6.35 -0.88
N PHE A 257 16.84 -7.32 -0.94
CA PHE A 257 16.22 -7.87 0.23
C PHE A 257 16.96 -9.16 0.46
N GLN A 258 18.12 -9.01 1.09
CA GLN A 258 19.13 -10.04 1.26
C GLN A 258 18.56 -11.22 2.05
N GLU A 259 17.56 -10.94 2.90
CA GLU A 259 16.87 -11.99 3.71
C GLU A 259 15.39 -11.91 3.71
N SER A 260 14.76 -13.10 3.75
CA SER A 260 13.31 -13.20 3.77
C SER A 260 12.85 -14.47 4.41
N GLN A 261 11.62 -14.45 4.96
CA GLN A 261 10.99 -15.66 5.43
C GLN A 261 9.51 -15.55 5.61
N LEU A 262 8.92 -16.70 5.85
CA LEU A 262 7.55 -16.81 6.18
C LEU A 262 7.36 -16.33 7.58
N VAL A 263 6.19 -15.75 7.81
CA VAL A 263 5.78 -15.18 9.08
C VAL A 263 4.50 -15.90 9.46
N LYS A 264 4.70 -17.04 10.12
CA LYS A 264 3.60 -17.89 10.52
C LYS A 264 2.55 -17.18 11.35
N LYS A 265 2.92 -16.17 12.13
CA LYS A 265 1.93 -15.40 12.92
C LYS A 265 0.96 -14.55 12.08
N LEU A 266 1.27 -14.40 10.79
CA LEU A 266 0.49 -13.59 9.89
C LEU A 266 -0.15 -14.46 8.81
N VAL A 267 -1.40 -14.87 9.06
CA VAL A 267 -2.06 -15.85 8.18
C VAL A 267 -2.44 -15.30 6.77
N GLU A 268 -2.42 -16.19 5.77
CA GLU A 268 -2.92 -15.91 4.42
C GLU A 268 -4.06 -16.91 4.15
N PRO A 269 -5.25 -16.47 3.72
CA PRO A 269 -6.33 -17.38 3.38
C PRO A 269 -6.30 -17.91 1.95
N PRO A 270 -6.99 -19.03 1.70
CA PRO A 270 -7.19 -19.64 0.37
C PRO A 270 -7.78 -18.73 -0.71
N PRO A 271 -7.39 -18.92 -1.97
CA PRO A 271 -6.45 -19.91 -2.50
C PRO A 271 -5.01 -19.44 -2.59
N GLN A 272 -4.82 -18.13 -2.78
CA GLN A 272 -3.49 -17.56 -3.00
C GLN A 272 -3.30 -16.26 -2.24
N GLY A 273 -4.07 -16.12 -1.15
CA GLY A 273 -3.83 -15.09 -0.14
C GLY A 273 -4.69 -13.86 -0.36
N CYS A 274 -4.24 -12.75 0.25
CA CYS A 274 -4.86 -11.45 0.16
C CYS A 274 -3.80 -10.38 0.39
N GLN A 275 -3.95 -9.25 -0.29
CA GLN A 275 -3.11 -8.11 -0.09
C GLN A 275 -3.26 -7.65 1.39
N GLY A 276 -2.22 -7.06 1.94
CA GLY A 276 -2.32 -6.36 3.25
C GLY A 276 -1.38 -5.18 3.27
N SER A 277 -1.47 -4.38 4.32
CA SER A 277 -0.75 -3.12 4.40
C SER A 277 0.11 -3.12 5.64
N VAL A 278 1.26 -2.47 5.52
CA VAL A 278 2.17 -2.24 6.66
C VAL A 278 2.68 -0.77 6.66
N ILE A 279 2.72 -0.15 7.82
CA ILE A 279 3.35 1.14 8.05
C ILE A 279 4.27 1.10 9.25
N SER A 280 5.21 2.03 9.30
CA SER A 280 5.90 2.35 10.56
C SER A 280 5.28 3.57 11.20
N PHE A 281 5.53 3.69 12.49
CA PHE A 281 5.06 4.84 13.18
C PHE A 281 5.95 4.99 14.41
N PRO A 282 6.00 6.20 14.98
CA PRO A 282 6.98 6.37 16.08
C PRO A 282 6.61 5.56 17.33
N SER A 283 7.60 4.90 17.87
CA SER A 283 7.46 4.10 19.08
C SER A 283 7.17 5.00 20.29
N PRO A 284 6.18 4.66 21.12
CA PRO A 284 6.05 5.37 22.42
C PRO A 284 7.32 5.33 23.31
N ARG A 285 8.15 4.30 23.18
CA ARG A 285 9.43 4.20 23.92
C ARG A 285 10.63 4.65 23.08
N ALA A 292 13.29 3.12 16.88
CA ALA A 292 12.54 4.35 17.16
C ALA A 292 11.14 4.26 16.59
N GLN A 293 10.87 3.17 15.85
CA GLN A 293 9.55 2.95 15.26
C GLN A 293 9.01 1.55 15.58
N TRP A 294 7.70 1.46 15.62
CA TRP A 294 7.02 0.17 15.62
C TRP A 294 6.34 -0.04 14.25
N LEU A 295 5.86 -1.26 13.96
CA LEU A 295 5.07 -1.53 12.78
C LEU A 295 3.61 -1.84 13.15
N LEU A 296 2.73 -1.45 12.25
CA LEU A 296 1.33 -1.81 12.23
C LEU A 296 1.04 -2.43 10.87
N TYR A 297 0.26 -3.53 10.86
CA TYR A 297 -0.09 -4.30 9.64
C TYR A 297 -1.60 -4.66 9.69
N THR A 298 -2.31 -4.50 8.58
CA THR A 298 -3.68 -4.95 8.54
C THR A 298 -3.89 -5.96 7.42
N HIS A 299 -4.80 -6.90 7.67
CA HIS A 299 -5.06 -8.02 6.75
C HIS A 299 -6.26 -8.80 7.35
N PRO A 300 -7.10 -9.41 6.51
CA PRO A 300 -8.12 -10.39 7.01
C PRO A 300 -7.51 -11.45 7.89
N THR A 301 -8.24 -11.88 8.93
CA THR A 301 -7.65 -12.80 9.95
C THR A 301 -8.12 -14.24 9.95
N HIS A 302 -9.23 -14.52 9.28
CA HIS A 302 -9.61 -15.92 9.02
C HIS A 302 -8.66 -16.66 8.10
N SER A 303 -8.18 -17.83 8.57
CA SER A 303 -7.26 -18.67 7.79
C SER A 303 -8.00 -19.29 6.63
N TRP A 304 -9.33 -19.19 6.67
CA TRP A 304 -10.22 -19.87 5.74
C TRP A 304 -10.84 -18.96 4.67
N GLN A 305 -10.93 -17.65 4.91
CA GLN A 305 -11.60 -16.74 3.97
C GLN A 305 -11.24 -15.26 4.21
N ARG A 306 -11.58 -14.41 3.25
CA ARG A 306 -11.35 -12.98 3.41
C ARG A 306 -12.37 -12.32 4.33
N ALA A 307 -12.17 -12.44 5.63
CA ALA A 307 -13.07 -11.81 6.61
C ALA A 307 -12.29 -11.46 7.89
N ASP A 308 -12.84 -10.54 8.65
CA ASP A 308 -12.32 -10.14 9.97
C ASP A 308 -10.97 -9.43 9.88
N LEU A 309 -11.03 -8.20 9.40
CA LEU A 309 -9.87 -7.36 9.27
C LEU A 309 -9.28 -7.19 10.67
N GLY A 310 -8.03 -7.57 10.80
CA GLY A 310 -7.31 -7.35 12.02
C GLY A 310 -6.11 -6.44 11.84
N ALA A 311 -5.74 -5.82 12.96
CA ALA A 311 -4.55 -5.04 13.10
C ALA A 311 -3.54 -5.83 13.93
N TYR A 312 -2.29 -5.75 13.55
CA TYR A 312 -1.23 -6.44 14.25
C TYR A 312 -0.11 -5.45 14.46
N LEU A 313 0.60 -5.64 15.56
CA LEU A 313 1.65 -4.76 16.01
C LEU A 313 2.99 -5.50 16.08
N ASN A 314 4.05 -4.88 15.59
CA ASN A 314 5.40 -5.35 15.84
C ASN A 314 6.17 -4.30 16.61
N PRO A 315 6.30 -4.49 17.94
CA PRO A 315 7.02 -3.54 18.75
C PRO A 315 8.51 -3.84 18.83
N ARG A 316 9.01 -4.86 18.14
CA ARG A 316 10.47 -5.09 18.05
C ARG A 316 10.83 -5.37 16.57
N PRO A 317 10.49 -4.43 15.70
CA PRO A 317 10.57 -4.73 14.30
C PRO A 317 12.01 -4.83 13.80
N PRO A 318 12.26 -5.64 12.78
CA PRO A 318 11.25 -6.37 12.05
C PRO A 318 11.14 -7.82 12.45
N ALA A 319 11.66 -8.19 13.61
CA ALA A 319 11.60 -9.58 14.04
C ALA A 319 10.20 -10.17 13.76
N PRO A 320 10.15 -11.26 12.96
CA PRO A 320 8.90 -11.95 12.64
C PRO A 320 8.23 -12.62 13.84
N GLU A 321 9.03 -13.05 14.81
N GLU A 321 9.01 -13.06 14.82
CA GLU A 321 8.53 -13.59 16.06
CA GLU A 321 8.42 -13.64 16.01
C GLU A 321 7.73 -12.56 16.88
C GLU A 321 7.81 -12.57 16.95
N ALA A 322 8.01 -11.27 16.67
CA ALA A 322 7.50 -10.22 17.53
C ALA A 322 6.12 -9.71 17.08
N TRP A 323 5.63 -10.22 15.97
CA TRP A 323 4.32 -9.75 15.50
C TRP A 323 3.28 -10.21 16.55
N SER A 324 2.37 -9.33 16.93
CA SER A 324 1.38 -9.68 17.90
C SER A 324 0.30 -10.57 17.30
N GLU A 325 -0.58 -10.97 18.21
CA GLU A 325 -1.88 -11.47 17.89
C GLU A 325 -2.68 -10.35 17.30
N PRO A 326 -3.57 -10.67 16.37
CA PRO A 326 -4.36 -9.60 15.82
C PRO A 326 -5.44 -9.16 16.74
N VAL A 327 -5.71 -7.88 16.71
CA VAL A 327 -6.96 -7.35 17.24
C VAL A 327 -7.94 -7.00 16.13
N LEU A 328 -9.19 -7.22 16.45
CA LEU A 328 -10.24 -7.19 15.47
C LEU A 328 -10.66 -5.79 15.22
N LEU A 329 -10.47 -5.32 14.00
CA LEU A 329 -10.94 -3.99 13.55
C LEU A 329 -12.33 -3.98 12.85
N ALA A 330 -12.67 -5.03 12.15
CA ALA A 330 -13.98 -5.16 11.47
C ALA A 330 -14.35 -6.60 11.25
N LYS A 331 -15.60 -6.94 11.61
CA LYS A 331 -16.16 -8.25 11.47
C LYS A 331 -16.60 -8.36 10.04
N GLY A 332 -16.70 -9.59 9.56
CA GLY A 332 -17.28 -9.87 8.29
C GLY A 332 -16.29 -9.73 7.17
N SER A 333 -16.84 -9.74 5.97
CA SER A 333 -16.09 -9.75 4.70
C SER A 333 -15.21 -8.47 4.57
N CYS A 334 -13.91 -8.68 4.40
CA CYS A 334 -12.95 -7.58 4.32
CA CYS A 334 -12.91 -7.60 4.40
C CYS A 334 -11.84 -8.09 3.45
N ALA A 335 -11.31 -7.23 2.59
CA ALA A 335 -10.26 -7.73 1.69
C ALA A 335 -9.06 -6.74 1.67
N TYR A 336 -8.74 -6.12 0.54
CA TYR A 336 -7.51 -5.34 0.48
C TYR A 336 -7.64 -4.13 1.44
N SER A 337 -6.51 -3.72 1.99
CA SER A 337 -6.45 -2.54 2.84
C SER A 337 -5.22 -1.65 2.53
N ASP A 338 -5.29 -0.44 3.06
CA ASP A 338 -4.19 0.50 3.08
C ASP A 338 -4.24 1.36 4.34
N LEU A 339 -3.07 1.48 4.96
CA LEU A 339 -2.87 2.20 6.21
C LEU A 339 -2.07 3.45 5.96
N GLN A 340 -2.33 4.41 6.84
CA GLN A 340 -1.53 5.61 7.02
C GLN A 340 -1.41 6.02 8.50
N SER A 341 -0.20 6.45 8.85
CA SER A 341 0.09 7.12 10.11
C SER A 341 -0.43 8.54 10.00
N MET A 342 -1.25 8.98 10.93
CA MET A 342 -1.82 10.33 10.89
C MET A 342 -1.29 11.20 12.01
N GLY A 343 -0.09 10.93 12.53
CA GLY A 343 0.40 11.68 13.68
C GLY A 343 -0.29 11.31 15.00
N THR A 344 -0.43 12.29 15.89
CA THR A 344 -0.93 12.11 17.26
C THR A 344 -2.45 12.17 17.32
N GLY A 345 -3.05 11.21 18.03
CA GLY A 345 -4.49 11.11 18.11
C GLY A 345 -5.02 11.91 19.30
N PRO A 346 -6.35 12.01 19.40
CA PRO A 346 -6.91 12.84 20.46
C PRO A 346 -6.58 12.32 21.86
N ASP A 347 -6.39 11.02 22.02
CA ASP A 347 -6.00 10.46 23.33
C ASP A 347 -4.51 10.53 23.57
N GLY A 348 -3.83 11.29 22.72
CA GLY A 348 -2.39 11.41 22.81
C GLY A 348 -1.53 10.30 22.26
N SER A 349 -2.14 9.19 21.80
CA SER A 349 -1.35 8.08 21.27
C SER A 349 -1.39 8.14 19.72
N PRO A 350 -0.55 7.34 19.05
CA PRO A 350 -0.53 7.36 17.56
C PRO A 350 -1.90 7.12 16.88
N LEU A 351 -2.20 7.96 15.90
CA LEU A 351 -3.44 8.00 15.18
C LEU A 351 -3.19 7.22 13.87
N PHE A 352 -4.15 6.39 13.48
CA PHE A 352 -4.09 5.64 12.21
C PHE A 352 -5.34 5.79 11.42
N GLY A 353 -5.15 5.87 10.10
CA GLY A 353 -6.22 5.73 9.13
C GLY A 353 -6.05 4.42 8.39
N CYS A 354 -7.18 3.79 8.07
CA CYS A 354 -7.25 2.50 7.35
C CYS A 354 -8.41 2.55 6.35
N LEU A 355 -8.09 2.20 5.11
CA LEU A 355 -9.06 2.11 4.00
C LEU A 355 -9.11 0.67 3.55
N TYR A 356 -10.31 0.05 3.54
CA TYR A 356 -10.38 -1.38 3.20
C TYR A 356 -11.64 -1.72 2.45
N GLU A 357 -11.53 -2.78 1.66
CA GLU A 357 -12.66 -3.32 0.88
C GLU A 357 -13.50 -4.16 1.83
N ALA A 358 -14.80 -3.85 1.84
CA ALA A 358 -15.75 -4.55 2.72
C ALA A 358 -16.95 -5.14 1.95
N ASN A 359 -17.52 -6.18 2.52
CA ASN A 359 -18.88 -6.61 2.18
C ASN A 359 -18.91 -7.20 0.75
N ASP A 360 -18.04 -8.15 0.50
CA ASP A 360 -17.87 -8.73 -0.81
C ASP A 360 -17.68 -7.66 -1.88
N TYR A 361 -16.84 -6.65 -1.56
CA TYR A 361 -16.42 -5.62 -2.48
C TYR A 361 -17.53 -4.74 -2.90
N GLU A 362 -18.56 -4.60 -2.07
CA GLU A 362 -19.61 -3.61 -2.35
C GLU A 362 -19.25 -2.26 -1.84
N GLU A 363 -18.24 -2.19 -0.96
CA GLU A 363 -17.74 -0.91 -0.54
C GLU A 363 -16.26 -0.87 -0.16
N ILE A 364 -15.79 0.37 0.04
CA ILE A 364 -14.50 0.66 0.61
C ILE A 364 -14.73 1.58 1.80
N VAL A 365 -14.29 1.13 2.96
CA VAL A 365 -14.62 1.75 4.21
C VAL A 365 -13.39 2.39 4.77
N PHE A 366 -13.60 3.59 5.32
CA PHE A 366 -12.60 4.27 6.10
C PHE A 366 -12.82 4.13 7.60
N LEU A 367 -11.74 3.71 8.23
CA LEU A 367 -11.63 3.46 9.66
C LEU A 367 -10.48 4.34 10.23
N MET A 368 -10.70 4.93 11.39
CA MET A 368 -9.71 5.77 12.09
C MET A 368 -9.65 5.37 13.54
N PHE A 369 -8.45 5.08 14.04
CA PHE A 369 -8.32 4.60 15.37
C PHE A 369 -6.94 4.88 15.92
N THR A 370 -6.82 4.77 17.26
CA THR A 370 -5.52 5.05 17.87
C THR A 370 -4.87 3.80 18.38
N LEU A 371 -3.59 3.90 18.65
CA LEU A 371 -2.80 2.81 19.25
C LEU A 371 -3.38 2.40 20.62
N LYS A 372 -3.79 3.41 21.39
CA LYS A 372 -4.41 3.17 22.68
C LYS A 372 -5.72 2.39 22.55
N GLN A 373 -6.54 2.76 21.59
CA GLN A 373 -7.76 2.03 21.32
C GLN A 373 -7.49 0.57 20.89
N ALA A 374 -6.43 0.30 20.12
CA ALA A 374 -6.22 -1.05 19.56
C ALA A 374 -5.39 -1.96 20.43
N PHE A 375 -4.28 -1.44 20.97
CA PHE A 375 -3.36 -2.17 21.80
C PHE A 375 -3.17 -1.51 23.15
N PRO A 376 -4.22 -1.55 23.98
CA PRO A 376 -4.21 -0.78 25.20
C PRO A 376 -3.13 -1.22 26.13
N ALA A 377 -2.73 -2.47 26.02
CA ALA A 377 -1.70 -3.05 26.82
C ALA A 377 -0.30 -2.62 26.44
N GLU A 378 -0.16 -1.96 25.28
CA GLU A 378 1.16 -1.50 24.81
C GLU A 378 1.30 0.02 24.76
N TYR A 379 0.16 0.71 24.70
CA TYR A 379 -0.02 2.11 25.11
C TYR A 379 0.76 3.19 24.39
O1B FSR B . -8.44 -9.83 -5.37
C1 FSR B . -7.20 -9.89 -5.52
O1A FSR B . -6.57 -10.91 -5.10
C2 FSR B . -6.36 -8.79 -6.06
C3 FSR B . -7.12 -7.83 -6.96
F1 FSR B . -7.80 -6.97 -6.15
C4 FSR B . -6.22 -7.09 -7.95
O4 FSR B . -7.00 -6.40 -8.94
O6 FSR B . -5.63 -9.66 -7.03
C6 FSR B . -4.64 -8.99 -7.83
C7 FSR B . -4.13 -10.23 -8.38
C8 FSR B . -2.69 -10.53 -8.25
C9 FSR B . -2.49 -12.03 -8.39
O9 FSR B . -1.62 -12.13 -9.40
O8 FSR B . -2.02 -10.02 -7.21
O7 FSR B . -4.84 -10.91 -9.37
C5 FSR B . -5.33 -7.99 -8.75
N5 FSR B . -4.35 -7.16 -9.47
C10 FSR B . -4.42 -6.96 -10.93
O10 FSR B . -5.34 -7.46 -11.60
C11 FSR B . -3.34 -6.11 -11.62
P PO4 C . -21.02 5.87 -9.11
O1 PO4 C . -20.58 5.91 -7.66
O2 PO4 C . -20.43 4.64 -9.71
O3 PO4 C . -22.54 5.79 -9.24
O4 PO4 C . -20.56 7.13 -9.85
P PO4 D . 17.47 -11.02 -9.37
O1 PO4 D . 16.82 -12.39 -9.14
O2 PO4 D . 18.90 -11.05 -8.90
O3 PO4 D . 16.78 -9.97 -8.55
O4 PO4 D . 17.39 -10.65 -10.85
#